data_4YMB
#
_entry.id   4YMB
#
_cell.length_a   71.813
_cell.length_b   71.813
_cell.length_c   230.126
_cell.angle_alpha   90.000
_cell.angle_beta   90.000
_cell.angle_gamma   90.000
#
_symmetry.space_group_name_H-M   'P 41 21 2'
#
loop_
_entity.id
_entity.type
_entity.pdbx_description
1 polymer 'Glutamate receptor ionotropic, kainate 1,Glutamate receptor ionotropic, kainate 1'
2 non-polymer (3R,4S)-3-(3-carboxyphenyl)-4-propyl-L-proline
3 non-polymer 'ACETATE ION'
4 non-polymer 'CHLORIDE ION'
5 non-polymer DI(HYDROXYETHYL)ETHER
6 non-polymer 1,2-ETHANEDIOL
7 water water
#
_entity_poly.entity_id   1
_entity_poly.type   'polypeptide(L)'
_entity_poly.pdbx_seq_one_letter_code
;GANRTLIVTTILEEPYVMYRKSDKPLYGNDRFEGYCLDLLKELSNILGFLYDVKLVPDGKYGAQNDKGEWNGMVKELIDH
RADLAVAPLTITYVREKVIDFSKPFMTLGISILYRKGTPIDSADDLAKQTKIEYGAVRDGSTMTFFKKSKISTYEKMWAF
MSSRQQSALVKNSDEGIQRVLTTDYALLMESTSIEYVTQRNCNLTQIGGLIDSKGYGVGTPIGSPYRDKITIAILQLQEE
GKLHMMKEKWWRGNGCP
;
_entity_poly.pdbx_strand_id   A,B
#
loop_
_chem_comp.id
_chem_comp.type
_chem_comp.name
_chem_comp.formula
4E7 non-polymer (3R,4S)-3-(3-carboxyphenyl)-4-propyl-L-proline 'C15 H19 N O4'
ACT non-polymer 'ACETATE ION' 'C2 H3 O2 -1'
CL non-polymer 'CHLORIDE ION' 'Cl -1'
EDO non-polymer 1,2-ETHANEDIOL 'C2 H6 O2'
PEG non-polymer DI(HYDROXYETHYL)ETHER 'C4 H10 O3'
#
# COMPACT_ATOMS: atom_id res chain seq x y z
N ARG A 4 17.91 -27.11 -0.58
CA ARG A 4 17.54 -27.27 -1.99
C ARG A 4 17.21 -25.93 -2.64
N THR A 5 17.15 -25.95 -3.96
CA THR A 5 16.94 -24.76 -4.76
C THR A 5 15.45 -24.51 -4.97
N LEU A 6 15.01 -23.29 -4.65
CA LEU A 6 13.63 -22.91 -4.82
C LEU A 6 13.30 -22.66 -6.30
N ILE A 7 12.13 -23.12 -6.72
CA ILE A 7 11.66 -22.86 -8.07
CA ILE A 7 11.68 -22.86 -8.07
C ILE A 7 10.81 -21.61 -8.04
N VAL A 8 11.17 -20.63 -8.87
CA VAL A 8 10.43 -19.37 -8.93
C VAL A 8 9.71 -19.30 -10.25
N THR A 9 8.38 -19.19 -10.19
CA THR A 9 7.60 -19.01 -11.38
C THR A 9 7.55 -17.51 -11.63
N THR A 10 7.63 -17.12 -12.90
CA THR A 10 7.47 -15.73 -13.26
C THR A 10 6.97 -15.65 -14.69
N ILE A 11 6.88 -14.43 -15.22
CA ILE A 11 6.23 -14.19 -16.50
C ILE A 11 7.00 -13.08 -17.22
N LEU A 12 7.11 -13.15 -18.55
CA LEU A 12 7.80 -12.13 -19.32
C LEU A 12 6.94 -10.90 -19.33
N GLU A 13 7.52 -9.80 -18.83
CA GLU A 13 6.77 -8.56 -18.69
C GLU A 13 7.71 -7.41 -18.39
N GLU A 14 7.78 -6.48 -19.32
CA GLU A 14 8.67 -5.35 -19.20
C GLU A 14 8.10 -4.36 -18.17
N PRO A 15 8.93 -3.81 -17.27
CA PRO A 15 10.35 -4.01 -17.03
C PRO A 15 10.64 -4.95 -15.87
N TYR A 16 9.68 -5.80 -15.52
CA TYR A 16 9.82 -6.69 -14.36
C TYR A 16 10.73 -7.87 -14.66
N VAL A 17 10.53 -8.48 -15.84
CA VAL A 17 11.25 -9.64 -16.27
C VAL A 17 11.38 -9.62 -17.77
N MET A 18 12.62 -9.63 -18.24
CA MET A 18 12.90 -9.54 -19.66
CA MET A 18 12.92 -9.51 -19.65
C MET A 18 14.10 -10.42 -19.99
N TYR A 19 14.11 -11.00 -21.19
CA TYR A 19 15.31 -11.66 -21.69
C TYR A 19 16.44 -10.63 -21.82
N ARG A 20 17.60 -10.96 -21.27
CA ARG A 20 18.78 -10.11 -21.31
C ARG A 20 19.29 -10.09 -22.75
N LYS A 21 19.80 -8.95 -23.24
CA LYS A 21 20.38 -8.88 -24.58
C LYS A 21 21.82 -9.36 -24.56
N SER A 22 22.21 -10.16 -25.54
CA SER A 22 23.53 -10.76 -25.54
C SER A 22 23.98 -11.22 -26.94
N ASP A 23 25.29 -11.19 -27.16
CA ASP A 23 25.85 -11.63 -28.42
C ASP A 23 26.24 -13.09 -28.34
N LYS A 24 25.95 -13.71 -27.21
CA LYS A 24 26.18 -15.14 -27.05
C LYS A 24 25.03 -15.75 -26.26
N PRO A 25 24.82 -17.06 -26.41
CA PRO A 25 23.76 -17.72 -25.64
C PRO A 25 23.96 -17.58 -24.13
N LEU A 26 22.87 -17.30 -23.42
CA LEU A 26 22.87 -17.21 -21.98
C LEU A 26 22.09 -18.40 -21.41
N TYR A 27 22.35 -18.71 -20.14
CA TYR A 27 21.83 -19.91 -19.48
C TYR A 27 21.36 -19.58 -18.07
N GLY A 28 20.37 -20.32 -17.59
CA GLY A 28 19.91 -20.21 -16.21
C GLY A 28 19.35 -18.84 -15.89
N ASN A 29 19.57 -18.39 -14.66
CA ASN A 29 19.03 -17.11 -14.22
C ASN A 29 19.62 -15.94 -15.01
N ASP A 30 20.82 -16.13 -15.54
CA ASP A 30 21.50 -15.07 -16.29
C ASP A 30 20.77 -14.70 -17.62
N ARG A 31 19.77 -15.49 -18.01
CA ARG A 31 18.96 -15.20 -19.20
C ARG A 31 18.08 -13.97 -19.02
N PHE A 32 17.74 -13.68 -17.76
CA PHE A 32 16.73 -12.66 -17.48
C PHE A 32 17.31 -11.47 -16.76
N GLU A 33 16.60 -10.34 -16.86
CA GLU A 33 16.91 -9.13 -16.09
C GLU A 33 15.61 -8.40 -15.85
N GLY A 34 15.61 -7.49 -14.89
CA GLY A 34 14.49 -6.60 -14.67
C GLY A 34 14.28 -6.39 -13.19
N TYR A 35 13.30 -5.58 -12.86
CA TYR A 35 12.97 -5.29 -11.48
C TYR A 35 12.79 -6.56 -10.64
N CYS A 36 12.03 -7.53 -11.14
CA CYS A 36 11.75 -8.72 -10.32
C CYS A 36 12.99 -9.61 -10.11
N LEU A 37 13.91 -9.60 -11.07
CA LEU A 37 15.17 -10.31 -10.90
C LEU A 37 16.05 -9.62 -9.86
N ASP A 38 16.05 -8.29 -9.87
CA ASP A 38 16.71 -7.52 -8.83
C ASP A 38 16.06 -7.83 -7.47
N LEU A 39 14.74 -7.89 -7.42
CA LEU A 39 14.07 -8.19 -6.18
C LEU A 39 14.46 -9.59 -5.68
N LEU A 40 14.45 -10.54 -6.61
CA LEU A 40 14.77 -11.93 -6.29
C LEU A 40 16.19 -12.06 -5.71
N LYS A 41 17.14 -11.37 -6.35
CA LYS A 41 18.50 -11.27 -5.84
C LYS A 41 18.52 -10.78 -4.38
N GLU A 42 17.88 -9.65 -4.11
CA GLU A 42 17.85 -9.10 -2.76
C GLU A 42 17.20 -10.08 -1.76
N LEU A 43 16.07 -10.67 -2.15
CA LEU A 43 15.40 -11.60 -1.25
C LEU A 43 16.33 -12.78 -0.95
N SER A 44 16.99 -13.30 -1.98
CA SER A 44 17.87 -14.44 -1.80
CA SER A 44 17.91 -14.43 -1.82
C SER A 44 19.05 -14.06 -0.89
N ASN A 45 19.55 -12.84 -1.03
CA ASN A 45 20.63 -12.37 -0.17
C ASN A 45 20.22 -12.35 1.31
N ILE A 46 18.99 -11.94 1.58
CA ILE A 46 18.54 -11.79 2.94
C ILE A 46 18.23 -13.16 3.51
N LEU A 47 17.54 -13.99 2.74
CA LEU A 47 17.00 -15.25 3.28
C LEU A 47 17.94 -16.43 3.04
N GLY A 48 18.88 -16.26 2.12
CA GLY A 48 19.87 -17.28 1.82
C GLY A 48 19.28 -18.53 1.20
N PHE A 49 18.59 -18.38 0.07
CA PHE A 49 18.19 -19.54 -0.72
C PHE A 49 18.79 -19.42 -2.11
N LEU A 50 18.96 -20.57 -2.75
CA LEU A 50 19.30 -20.60 -4.17
C LEU A 50 17.98 -20.69 -4.92
N TYR A 51 17.98 -20.31 -6.19
CA TYR A 51 16.75 -20.34 -6.94
C TYR A 51 16.97 -20.62 -8.42
N ASP A 52 15.92 -21.18 -9.02
CA ASP A 52 15.87 -21.43 -10.45
CA ASP A 52 15.86 -21.45 -10.44
C ASP A 52 14.61 -20.77 -10.99
N VAL A 53 14.79 -19.80 -11.88
CA VAL A 53 13.65 -19.11 -12.48
C VAL A 53 13.06 -19.91 -13.65
N LYS A 54 11.74 -20.05 -13.66
CA LYS A 54 11.03 -20.75 -14.72
C LYS A 54 9.80 -19.97 -15.19
N LEU A 55 9.80 -19.55 -16.45
CA LEU A 55 8.63 -18.90 -17.02
C LEU A 55 7.40 -19.78 -16.96
N VAL A 56 6.28 -19.24 -16.51
CA VAL A 56 5.06 -20.01 -16.42
C VAL A 56 4.65 -20.43 -17.84
N PRO A 57 4.41 -21.73 -18.04
CA PRO A 57 4.19 -22.19 -19.42
C PRO A 57 3.08 -21.47 -20.18
N ASP A 58 1.95 -21.17 -19.56
CA ASP A 58 0.85 -20.57 -20.32
C ASP A 58 0.94 -19.04 -20.42
N GLY A 59 1.98 -18.47 -19.82
CA GLY A 59 2.16 -17.03 -19.83
C GLY A 59 0.97 -16.24 -19.31
N LYS A 60 0.36 -16.72 -18.24
CA LYS A 60 -0.76 -16.04 -17.60
C LYS A 60 -0.43 -15.69 -16.16
N TYR A 61 -1.11 -14.69 -15.62
CA TYR A 61 -0.92 -14.29 -14.24
C TYR A 61 -1.65 -15.28 -13.32
N GLY A 62 -2.95 -15.41 -13.52
CA GLY A 62 -3.75 -16.29 -12.68
C GLY A 62 -5.17 -15.83 -12.64
N ALA A 63 -6.04 -16.60 -13.29
CA ALA A 63 -7.47 -16.36 -13.25
C ALA A 63 -8.20 -17.70 -13.34
N GLN A 64 -9.50 -17.69 -13.09
CA GLN A 64 -10.30 -18.90 -13.17
C GLN A 64 -11.09 -18.98 -14.46
N ASN A 65 -11.15 -20.18 -15.05
CA ASN A 65 -12.05 -20.38 -16.20
C ASN A 65 -13.48 -20.63 -15.71
N ASP A 66 -14.37 -21.04 -16.62
CA ASP A 66 -15.79 -21.21 -16.29
C ASP A 66 -16.03 -22.41 -15.37
N LYS A 67 -15.10 -23.36 -15.36
CA LYS A 67 -15.21 -24.53 -14.50
C LYS A 67 -14.54 -24.31 -13.15
N GLY A 68 -14.04 -23.10 -12.91
CA GLY A 68 -13.40 -22.75 -11.65
C GLY A 68 -11.95 -23.20 -11.54
N GLU A 69 -11.38 -23.61 -12.66
CA GLU A 69 -10.00 -24.05 -12.71
C GLU A 69 -9.06 -22.85 -12.85
N TRP A 70 -8.01 -22.84 -12.04
CA TRP A 70 -7.04 -21.74 -12.08
C TRP A 70 -5.97 -21.95 -13.14
N ASN A 71 -5.43 -20.85 -13.67
CA ASN A 71 -4.29 -20.93 -14.57
C ASN A 71 -3.11 -20.08 -14.11
N GLY A 72 -2.12 -19.93 -14.98
CA GLY A 72 -1.02 -19.04 -14.70
C GLY A 72 -0.16 -19.39 -13.50
N MET A 73 0.54 -18.36 -13.01
CA MET A 73 1.47 -18.50 -11.90
C MET A 73 0.74 -18.96 -10.66
N VAL A 74 -0.48 -18.45 -10.48
CA VAL A 74 -1.32 -18.90 -9.38
C VAL A 74 -1.46 -20.42 -9.39
N LYS A 75 -1.74 -20.99 -10.56
CA LYS A 75 -1.92 -22.43 -10.66
C LYS A 75 -0.62 -23.17 -10.36
N GLU A 76 0.52 -22.64 -10.81
CA GLU A 76 1.80 -23.27 -10.53
C GLU A 76 1.99 -23.38 -9.03
N LEU A 77 1.51 -22.37 -8.31
CA LEU A 77 1.66 -22.35 -6.86
C LEU A 77 0.71 -23.35 -6.21
N ILE A 78 -0.55 -23.31 -6.61
CA ILE A 78 -1.56 -24.23 -6.08
C ILE A 78 -1.11 -25.69 -6.26
N ASP A 79 -0.53 -25.98 -7.43
CA ASP A 79 -0.10 -27.33 -7.76
C ASP A 79 1.30 -27.66 -7.23
N HIS A 80 1.91 -26.72 -6.50
CA HIS A 80 3.23 -26.93 -5.92
C HIS A 80 4.33 -27.24 -6.96
N ARG A 81 4.15 -26.67 -8.16
CA ARG A 81 5.20 -26.75 -9.19
C ARG A 81 6.19 -25.59 -9.06
N ALA A 82 5.90 -24.63 -8.19
CA ALA A 82 6.85 -23.59 -7.85
C ALA A 82 6.74 -23.25 -6.36
N ASP A 83 7.84 -22.85 -5.75
CA ASP A 83 7.83 -22.40 -4.36
C ASP A 83 7.43 -20.93 -4.22
N LEU A 84 7.75 -20.15 -5.23
CA LEU A 84 7.56 -18.70 -5.19
C LEU A 84 7.11 -18.17 -6.54
N ALA A 85 6.23 -17.18 -6.51
CA ALA A 85 5.92 -16.41 -7.72
C ALA A 85 6.43 -15.01 -7.48
N VAL A 86 7.42 -14.61 -8.27
CA VAL A 86 8.03 -13.29 -8.13
C VAL A 86 7.79 -12.57 -9.42
N ALA A 87 6.75 -11.76 -9.41
CA ALA A 87 6.21 -11.14 -10.59
C ALA A 87 5.32 -9.99 -10.10
N PRO A 88 4.86 -9.14 -11.02
CA PRO A 88 3.92 -8.08 -10.60
C PRO A 88 2.51 -8.67 -10.45
N LEU A 89 2.37 -9.55 -9.48
CA LEU A 89 1.13 -10.28 -9.26
C LEU A 89 0.22 -9.51 -8.32
N THR A 90 -0.87 -8.98 -8.87
CA THR A 90 -1.78 -8.12 -8.11
C THR A 90 -2.44 -8.93 -7.01
N ILE A 91 -2.34 -8.40 -5.79
CA ILE A 91 -2.99 -8.98 -4.63
C ILE A 91 -4.48 -8.71 -4.67
N THR A 92 -5.26 -9.72 -5.05
CA THR A 92 -6.70 -9.56 -5.17
C THR A 92 -7.38 -10.48 -4.20
N TYR A 93 -8.62 -10.15 -3.88
CA TYR A 93 -9.46 -10.99 -3.06
C TYR A 93 -9.49 -12.46 -3.52
N VAL A 94 -9.76 -12.68 -4.80
CA VAL A 94 -9.96 -14.05 -5.29
C VAL A 94 -8.66 -14.85 -5.27
N ARG A 95 -7.53 -14.18 -5.54
CA ARG A 95 -6.25 -14.87 -5.54
C ARG A 95 -5.77 -15.17 -4.14
N GLU A 96 -5.98 -14.25 -3.20
CA GLU A 96 -5.50 -14.45 -1.83
C GLU A 96 -6.23 -15.62 -1.18
N LYS A 97 -7.40 -15.97 -1.71
CA LYS A 97 -8.12 -17.12 -1.17
C LYS A 97 -7.43 -18.43 -1.52
N VAL A 98 -6.62 -18.45 -2.58
CA VAL A 98 -6.06 -19.74 -3.03
C VAL A 98 -4.55 -19.85 -2.97
N ILE A 99 -3.86 -18.73 -2.74
CA ILE A 99 -2.42 -18.72 -2.44
C ILE A 99 -2.14 -17.76 -1.28
N ASP A 100 -0.96 -17.88 -0.69
CA ASP A 100 -0.50 -16.95 0.34
C ASP A 100 0.42 -15.86 -0.28
N PHE A 101 -0.03 -14.62 -0.23
CA PHE A 101 0.75 -13.48 -0.70
C PHE A 101 1.63 -12.90 0.38
N SER A 102 2.82 -12.44 0.01
CA SER A 102 3.62 -11.59 0.89
C SER A 102 2.96 -10.24 1.05
N LYS A 103 3.46 -9.44 1.98
CA LYS A 103 3.08 -8.04 2.00
C LYS A 103 3.58 -7.43 0.71
N PRO A 104 2.95 -6.34 0.27
CA PRO A 104 3.23 -5.79 -1.05
C PRO A 104 4.62 -5.17 -1.17
N PHE A 105 5.28 -5.43 -2.28
CA PHE A 105 6.56 -4.78 -2.57
C PHE A 105 6.34 -3.56 -3.45
N MET A 106 5.14 -3.38 -3.94
CA MET A 106 4.75 -2.20 -4.72
C MET A 106 3.30 -1.90 -4.41
N THR A 107 2.96 -0.64 -4.25
CA THR A 107 1.56 -0.25 -4.07
C THR A 107 1.16 0.69 -5.20
N LEU A 108 -0.04 0.49 -5.72
CA LEU A 108 -0.44 1.14 -6.95
C LEU A 108 -1.97 1.28 -7.01
N GLY A 109 -2.50 1.65 -8.16
CA GLY A 109 -3.93 1.74 -8.31
C GLY A 109 -4.34 1.88 -9.75
N ILE A 110 -5.65 1.91 -10.00
CA ILE A 110 -6.15 2.21 -11.34
C ILE A 110 -5.98 3.66 -11.66
N SER A 111 -5.55 3.94 -12.89
CA SER A 111 -5.60 5.30 -13.39
C SER A 111 -5.87 5.28 -14.88
N ILE A 112 -5.76 6.45 -15.50
CA ILE A 112 -6.16 6.66 -16.88
C ILE A 112 -4.92 6.98 -17.70
N LEU A 113 -4.74 6.27 -18.82
CA LEU A 113 -3.73 6.61 -19.81
C LEU A 113 -4.42 7.26 -21.01
N TYR A 114 -3.96 8.44 -21.39
CA TYR A 114 -4.56 9.16 -22.52
C TYR A 114 -3.52 10.09 -23.16
N ARG A 115 -3.90 10.81 -24.22
CA ARG A 115 -3.03 11.81 -24.85
C ARG A 115 -2.93 13.06 -23.99
N LYS A 116 -1.82 13.78 -24.11
CA LYS A 116 -1.66 15.07 -23.43
C LYS A 116 -2.47 16.18 -24.06
N GLY A 117 -2.67 17.26 -23.28
CA GLY A 117 -3.19 18.50 -23.80
C GLY A 117 -4.70 18.59 -24.02
N THR A 118 -5.46 17.63 -23.51
CA THR A 118 -6.90 17.59 -23.72
C THR A 118 -7.63 18.14 -22.50
N PRO A 119 -8.95 18.37 -22.62
CA PRO A 119 -9.71 18.89 -21.48
C PRO A 119 -10.11 17.82 -20.45
N ILE A 120 -9.82 16.57 -20.76
CA ILE A 120 -10.13 15.48 -19.85
C ILE A 120 -9.14 15.50 -18.68
N ASP A 121 -9.68 15.54 -17.47
CA ASP A 121 -8.88 15.70 -16.26
C ASP A 121 -9.23 14.67 -15.19
N SER A 122 -10.23 13.85 -15.47
CA SER A 122 -10.67 12.85 -14.51
C SER A 122 -11.60 11.83 -15.16
N ALA A 123 -11.81 10.73 -14.48
CA ALA A 123 -12.74 9.70 -14.93
C ALA A 123 -14.12 10.29 -15.14
N ASP A 124 -14.51 11.20 -14.25
CA ASP A 124 -15.80 11.86 -14.37
C ASP A 124 -15.94 12.59 -15.71
N ASP A 125 -14.85 13.20 -16.17
CA ASP A 125 -14.87 13.92 -17.45
C ASP A 125 -15.10 12.96 -18.62
N LEU A 126 -14.58 11.74 -18.50
CA LEU A 126 -14.84 10.70 -19.48
C LEU A 126 -16.28 10.25 -19.43
N ALA A 127 -16.78 10.02 -18.22
CA ALA A 127 -18.11 9.44 -18.02
C ALA A 127 -19.24 10.34 -18.56
N LYS A 128 -18.98 11.64 -18.60
CA LYS A 128 -19.95 12.63 -19.05
C LYS A 128 -20.04 12.73 -20.56
N GLN A 129 -19.29 11.91 -21.29
CA GLN A 129 -19.28 12.00 -22.74
C GLN A 129 -19.13 10.63 -23.41
N THR A 130 -19.22 10.60 -24.73
CA THR A 130 -19.22 9.34 -25.49
C THR A 130 -18.39 9.42 -26.77
N LYS A 131 -17.90 10.61 -27.08
CA LYS A 131 -17.07 10.84 -28.26
C LYS A 131 -15.73 10.13 -28.09
N ILE A 132 -15.06 10.43 -27.00
CA ILE A 132 -13.81 9.75 -26.65
C ILE A 132 -14.14 8.36 -26.11
N GLU A 133 -13.69 7.33 -26.82
CA GLU A 133 -13.87 5.97 -26.35
C GLU A 133 -12.97 5.75 -25.16
N TYR A 134 -13.43 4.97 -24.19
CA TYR A 134 -12.59 4.61 -23.06
C TYR A 134 -12.96 3.24 -22.58
N GLY A 135 -11.96 2.55 -22.05
CA GLY A 135 -12.20 1.22 -21.55
C GLY A 135 -11.04 0.67 -20.78
N ALA A 136 -10.91 -0.65 -20.85
CA ALA A 136 -9.97 -1.35 -20.02
C ALA A 136 -9.69 -2.71 -20.62
N VAL A 137 -8.70 -3.39 -20.08
CA VAL A 137 -8.40 -4.76 -20.52
C VAL A 137 -9.53 -5.67 -20.07
N ARG A 138 -10.06 -6.46 -21.01
CA ARG A 138 -11.15 -7.37 -20.70
C ARG A 138 -10.74 -8.39 -19.63
N ASP A 139 -11.57 -8.52 -18.60
CA ASP A 139 -11.44 -9.56 -17.57
C ASP A 139 -10.26 -9.37 -16.60
N GLY A 140 -9.54 -8.24 -16.70
CA GLY A 140 -8.42 -7.97 -15.82
C GLY A 140 -8.86 -7.26 -14.55
N SER A 141 -7.89 -6.85 -13.74
CA SER A 141 -8.14 -6.23 -12.45
C SER A 141 -8.92 -4.94 -12.57
N THR A 142 -8.57 -4.12 -13.56
CA THR A 142 -9.26 -2.85 -13.74
C THR A 142 -10.73 -3.11 -14.04
N MET A 143 -11.01 -4.03 -14.95
CA MET A 143 -12.38 -4.29 -15.36
C MET A 143 -13.21 -4.72 -14.15
N THR A 144 -12.60 -5.53 -13.29
CA THR A 144 -13.34 -6.09 -12.17
C THR A 144 -13.80 -4.97 -11.25
N PHE A 145 -12.95 -3.98 -11.05
CA PHE A 145 -13.30 -2.84 -10.22
C PHE A 145 -14.56 -2.11 -10.72
N PHE A 146 -14.59 -1.84 -12.03
CA PHE A 146 -15.73 -1.16 -12.63
C PHE A 146 -16.97 -2.03 -12.59
N LYS A 147 -16.79 -3.30 -12.96
CA LYS A 147 -17.88 -4.28 -13.03
C LYS A 147 -18.68 -4.35 -11.74
N LYS A 148 -18.03 -4.05 -10.62
CA LYS A 148 -18.66 -4.21 -9.31
C LYS A 148 -18.87 -2.90 -8.53
N SER A 149 -18.28 -1.81 -9.00
CA SER A 149 -18.41 -0.52 -8.31
C SER A 149 -19.85 -0.05 -8.27
N LYS A 150 -20.24 0.56 -7.15
CA LYS A 150 -21.56 1.16 -7.00
C LYS A 150 -21.50 2.69 -6.93
N ILE A 151 -20.31 3.26 -7.12
CA ILE A 151 -20.16 4.69 -7.37
C ILE A 151 -20.85 5.01 -8.69
N SER A 152 -21.70 6.04 -8.70
CA SER A 152 -22.53 6.32 -9.86
C SER A 152 -21.70 6.56 -11.11
N THR A 153 -20.67 7.37 -10.98
CA THR A 153 -19.80 7.69 -12.11
C THR A 153 -19.14 6.43 -12.68
N TYR A 154 -18.79 5.49 -11.82
CA TYR A 154 -18.10 4.29 -12.28
C TYR A 154 -19.11 3.29 -12.84
N GLU A 155 -20.31 3.28 -12.27
CA GLU A 155 -21.41 2.49 -12.84
C GLU A 155 -21.68 2.89 -14.29
N LYS A 156 -21.69 4.18 -14.56
CA LYS A 156 -21.96 4.68 -15.90
C LYS A 156 -20.85 4.24 -16.85
N MET A 157 -19.62 4.30 -16.36
CA MET A 157 -18.46 3.94 -17.18
C MET A 157 -18.48 2.44 -17.50
N TRP A 158 -18.90 1.61 -16.55
CA TRP A 158 -18.95 0.18 -16.83
C TRP A 158 -20.02 -0.11 -17.89
N ALA A 159 -21.11 0.65 -17.87
CA ALA A 159 -22.19 0.43 -18.82
C ALA A 159 -21.71 0.80 -20.23
N PHE A 160 -20.88 1.83 -20.29
CA PHE A 160 -20.31 2.24 -21.55
C PHE A 160 -19.34 1.16 -22.05
N MET A 161 -18.46 0.73 -21.16
CA MET A 161 -17.45 -0.26 -21.49
CA MET A 161 -17.45 -0.26 -21.50
C MET A 161 -18.04 -1.57 -21.98
N SER A 162 -19.17 -1.95 -21.39
CA SER A 162 -19.78 -3.24 -21.71
C SER A 162 -20.76 -3.14 -22.87
N SER A 163 -21.03 -1.92 -23.34
CA SER A 163 -21.95 -1.74 -24.46
C SER A 163 -21.29 -2.11 -25.80
N ARG A 164 -22.15 -2.32 -26.80
CA ARG A 164 -21.74 -2.67 -28.17
C ARG A 164 -20.79 -3.85 -28.23
N GLN A 165 -21.13 -4.93 -27.53
CA GLN A 165 -20.33 -6.15 -27.54
C GLN A 165 -18.92 -5.91 -26.99
N GLN A 166 -18.83 -5.07 -25.97
CA GLN A 166 -17.57 -4.75 -25.32
C GLN A 166 -16.52 -4.21 -26.32
N SER A 167 -16.98 -3.39 -27.26
CA SER A 167 -16.08 -2.83 -28.27
C SER A 167 -15.01 -1.94 -27.61
N ALA A 168 -15.36 -1.34 -26.48
CA ALA A 168 -14.45 -0.43 -25.78
C ALA A 168 -13.36 -1.17 -25.00
N LEU A 169 -13.53 -2.47 -24.76
CA LEU A 169 -12.49 -3.22 -24.06
C LEU A 169 -11.39 -3.64 -25.02
N VAL A 170 -10.23 -3.94 -24.47
CA VAL A 170 -9.08 -4.39 -25.25
C VAL A 170 -8.57 -5.72 -24.71
N LYS A 171 -7.83 -6.44 -25.55
CA LYS A 171 -7.42 -7.80 -25.22
C LYS A 171 -6.44 -7.83 -24.06
N ASN A 172 -5.53 -6.87 -24.04
CA ASN A 172 -4.47 -6.79 -23.03
C ASN A 172 -3.84 -5.41 -22.99
N SER A 173 -2.89 -5.21 -22.07
CA SER A 173 -2.32 -3.88 -21.85
C SER A 173 -1.60 -3.34 -23.07
N ASP A 174 -0.79 -4.18 -23.70
CA ASP A 174 -0.04 -3.74 -24.88
C ASP A 174 -0.97 -3.24 -25.99
N GLU A 175 -2.02 -4.00 -26.31
CA GLU A 175 -2.88 -3.57 -27.41
C GLU A 175 -3.66 -2.33 -26.99
N GLY A 176 -3.97 -2.24 -25.70
CA GLY A 176 -4.61 -1.07 -25.14
C GLY A 176 -3.78 0.17 -25.36
N ILE A 177 -2.48 0.07 -25.07
CA ILE A 177 -1.58 1.20 -25.22
C ILE A 177 -1.47 1.60 -26.70
N GLN A 178 -1.45 0.65 -27.61
CA GLN A 178 -1.39 0.96 -29.03
CA GLN A 178 -1.36 1.00 -29.02
C GLN A 178 -2.66 1.68 -29.46
N ARG A 179 -3.76 1.26 -28.87
CA ARG A 179 -5.05 1.85 -29.23
C ARG A 179 -5.06 3.33 -28.84
N VAL A 180 -4.49 3.63 -27.67
CA VAL A 180 -4.34 5.01 -27.21
C VAL A 180 -3.48 5.88 -28.16
N LEU A 181 -2.38 5.33 -28.65
CA LEU A 181 -1.46 6.09 -29.50
C LEU A 181 -2.03 6.41 -30.88
N THR A 182 -2.91 5.54 -31.38
CA THR A 182 -3.34 5.66 -32.78
C THR A 182 -4.76 6.20 -32.95
N THR A 183 -5.62 6.01 -31.96
CA THR A 183 -7.02 6.45 -32.08
C THR A 183 -7.39 7.37 -30.92
N ASP A 184 -8.65 7.81 -30.86
CA ASP A 184 -9.10 8.64 -29.75
C ASP A 184 -9.63 7.74 -28.64
N TYR A 185 -8.74 7.28 -27.79
CA TYR A 185 -9.07 6.24 -26.83
C TYR A 185 -8.32 6.44 -25.53
N ALA A 186 -9.03 6.34 -24.42
CA ALA A 186 -8.44 6.44 -23.09
C ALA A 186 -8.50 5.09 -22.41
N LEU A 187 -7.36 4.64 -21.89
CA LEU A 187 -7.27 3.32 -21.27
C LEU A 187 -7.15 3.44 -19.75
N LEU A 188 -8.11 2.83 -19.04
CA LEU A 188 -8.04 2.65 -17.59
C LEU A 188 -7.25 1.39 -17.29
N MET A 189 -6.20 1.51 -16.47
CA MET A 189 -5.32 0.36 -16.17
C MET A 189 -4.46 0.61 -14.91
N GLU A 190 -3.69 -0.41 -14.52
CA GLU A 190 -2.81 -0.33 -13.35
C GLU A 190 -1.78 0.77 -13.56
N SER A 191 -1.59 1.59 -12.53
CA SER A 191 -0.78 2.81 -12.64
C SER A 191 0.71 2.57 -12.92
N THR A 192 1.23 1.44 -12.46
CA THR A 192 2.60 1.04 -12.77
C THR A 192 2.84 0.98 -14.28
N SER A 193 1.90 0.38 -14.99
CA SER A 193 1.96 0.33 -16.46
C SER A 193 1.90 1.71 -17.09
N ILE A 194 1.02 2.56 -16.56
CA ILE A 194 0.92 3.93 -17.04
C ILE A 194 2.22 4.70 -16.81
N GLU A 195 2.81 4.56 -15.63
CA GLU A 195 4.05 5.25 -15.32
C GLU A 195 5.16 4.80 -16.27
N TYR A 196 5.17 3.51 -16.59
CA TYR A 196 6.21 2.97 -17.47
C TYR A 196 6.12 3.60 -18.86
N VAL A 197 4.91 3.60 -19.40
CA VAL A 197 4.63 4.14 -20.72
C VAL A 197 4.94 5.63 -20.82
N THR A 198 4.45 6.42 -19.87
CA THR A 198 4.58 7.87 -19.95
C THR A 198 6.02 8.37 -19.75
N GLN A 199 6.89 7.53 -19.19
CA GLN A 199 8.30 7.88 -19.12
C GLN A 199 8.99 7.74 -20.47
N ARG A 200 8.35 7.03 -21.39
CA ARG A 200 8.97 6.63 -22.66
C ARG A 200 8.22 7.09 -23.89
N ASN A 201 7.04 7.66 -23.69
CA ASN A 201 6.28 8.18 -24.80
C ASN A 201 5.67 9.50 -24.41
N CYS A 202 6.26 10.57 -24.92
CA CYS A 202 5.93 11.89 -24.45
C CYS A 202 4.60 12.36 -25.08
N ASN A 203 4.05 11.54 -25.98
CA ASN A 203 2.69 11.76 -26.47
C ASN A 203 1.60 11.49 -25.41
N LEU A 204 1.94 10.70 -24.39
CA LEU A 204 0.94 10.19 -23.44
C LEU A 204 1.08 10.76 -22.03
N THR A 205 0.00 10.66 -21.25
CA THR A 205 0.04 11.11 -19.87
C THR A 205 -0.97 10.36 -19.02
N GLN A 206 -0.77 10.42 -17.71
CA GLN A 206 -1.75 9.90 -16.80
C GLN A 206 -2.80 10.99 -16.54
N ILE A 207 -4.07 10.62 -16.55
CA ILE A 207 -5.14 11.56 -16.25
C ILE A 207 -5.68 11.30 -14.86
N GLY A 208 -5.72 12.34 -14.04
CA GLY A 208 -6.23 12.21 -12.68
C GLY A 208 -5.27 11.41 -11.83
N GLY A 209 -5.76 10.97 -10.67
CA GLY A 209 -4.98 10.15 -9.77
C GLY A 209 -5.40 8.69 -9.78
N LEU A 210 -5.21 8.04 -8.64
CA LEU A 210 -5.60 6.64 -8.48
C LEU A 210 -7.06 6.59 -8.01
N ILE A 211 -7.85 5.73 -8.63
CA ILE A 211 -9.26 5.62 -8.28
C ILE A 211 -9.51 4.40 -7.39
N ASP A 212 -8.47 3.64 -7.12
CA ASP A 212 -8.51 2.63 -6.07
C ASP A 212 -7.10 2.33 -5.62
N SER A 213 -6.95 1.28 -4.82
CA SER A 213 -5.64 0.92 -4.30
C SER A 213 -5.45 -0.60 -4.32
N LYS A 214 -4.25 -1.04 -4.69
CA LYS A 214 -3.89 -2.45 -4.64
C LYS A 214 -2.37 -2.62 -4.59
N GLY A 215 -1.90 -3.82 -4.23
CA GLY A 215 -0.47 -4.07 -4.23
C GLY A 215 -0.08 -5.26 -5.07
N TYR A 216 1.22 -5.37 -5.33
CA TYR A 216 1.85 -6.54 -5.91
C TYR A 216 2.54 -7.28 -4.80
N GLY A 217 2.38 -8.60 -4.76
CA GLY A 217 2.95 -9.43 -3.72
C GLY A 217 3.68 -10.63 -4.32
N VAL A 218 4.65 -11.14 -3.59
CA VAL A 218 5.24 -12.44 -3.92
C VAL A 218 4.24 -13.51 -3.55
N GLY A 219 3.96 -14.42 -4.48
CA GLY A 219 3.05 -15.52 -4.22
C GLY A 219 3.76 -16.75 -3.68
N THR A 220 3.12 -17.44 -2.74
CA THR A 220 3.58 -18.75 -2.28
C THR A 220 2.37 -19.66 -2.11
N PRO A 221 2.58 -20.99 -2.14
CA PRO A 221 1.43 -21.87 -1.91
C PRO A 221 0.89 -21.67 -0.51
N ILE A 222 -0.40 -21.89 -0.30
CA ILE A 222 -0.97 -21.78 1.04
C ILE A 222 -0.20 -22.70 1.97
N GLY A 223 0.21 -22.14 3.09
CA GLY A 223 0.88 -22.89 4.13
C GLY A 223 2.39 -22.84 4.03
N SER A 224 2.92 -22.09 3.06
CA SER A 224 4.34 -22.03 2.85
C SER A 224 5.03 -21.37 4.04
N PRO A 225 6.14 -21.95 4.53
CA PRO A 225 6.88 -21.26 5.59
C PRO A 225 7.67 -20.06 5.05
N TYR A 226 7.76 -19.95 3.73
CA TYR A 226 8.50 -18.84 3.16
C TYR A 226 7.68 -17.54 3.14
N ARG A 227 6.36 -17.63 3.21
CA ARG A 227 5.56 -16.41 3.05
C ARG A 227 5.97 -15.36 4.09
N ASP A 228 5.95 -15.73 5.36
CA ASP A 228 6.27 -14.77 6.41
C ASP A 228 7.73 -14.28 6.35
N LYS A 229 8.65 -15.18 6.00
CA LYS A 229 10.06 -14.81 5.83
C LYS A 229 10.25 -13.81 4.68
N ILE A 230 9.53 -14.03 3.57
CA ILE A 230 9.62 -13.13 2.44
CA ILE A 230 9.58 -13.15 2.42
C ILE A 230 8.97 -11.80 2.80
N THR A 231 7.89 -11.84 3.56
CA THR A 231 7.26 -10.60 3.97
C THR A 231 8.24 -9.79 4.81
N ILE A 232 8.96 -10.47 5.72
CA ILE A 232 9.86 -9.73 6.59
C ILE A 232 11.03 -9.16 5.78
N ALA A 233 11.46 -9.88 4.75
CA ALA A 233 12.55 -9.39 3.90
C ALA A 233 12.09 -8.18 3.10
N ILE A 234 10.85 -8.21 2.62
CA ILE A 234 10.32 -7.11 1.85
C ILE A 234 10.26 -5.86 2.74
N LEU A 235 9.88 -6.05 4.00
CA LEU A 235 9.78 -4.90 4.88
C LEU A 235 11.17 -4.31 5.11
N GLN A 236 12.17 -5.20 5.18
CA GLN A 236 13.55 -4.76 5.33
C GLN A 236 13.97 -3.91 4.13
N LEU A 237 13.69 -4.40 2.92
CA LEU A 237 14.06 -3.67 1.72
C LEU A 237 13.32 -2.36 1.63
N GLN A 238 12.06 -2.38 2.04
CA GLN A 238 11.23 -1.18 2.05
C GLN A 238 11.87 -0.13 2.95
N GLU A 239 12.27 -0.56 4.15
CA GLU A 239 12.78 0.36 5.16
C GLU A 239 14.21 0.83 4.85
N GLU A 240 14.94 0.03 4.06
CA GLU A 240 16.26 0.41 3.58
C GLU A 240 16.18 1.39 2.41
N GLY A 241 15.00 1.51 1.82
CA GLY A 241 14.79 2.39 0.68
C GLY A 241 15.12 1.70 -0.64
N LYS A 242 15.34 0.39 -0.58
CA LYS A 242 15.87 -0.38 -1.71
C LYS A 242 14.81 -0.63 -2.77
N LEU A 243 13.58 -0.86 -2.35
CA LEU A 243 12.50 -1.05 -3.30
C LEU A 243 12.30 0.21 -4.14
N HIS A 244 12.35 1.36 -3.49
CA HIS A 244 12.18 2.63 -4.19
C HIS A 244 13.31 2.82 -5.22
N MET A 245 14.51 2.46 -4.82
CA MET A 245 15.67 2.53 -5.69
C MET A 245 15.49 1.65 -6.92
N MET A 246 15.06 0.43 -6.67
CA MET A 246 14.86 -0.52 -7.75
C MET A 246 13.79 -0.05 -8.71
N LYS A 247 12.69 0.48 -8.18
CA LYS A 247 11.66 1.06 -9.04
C LYS A 247 12.21 2.18 -9.92
N GLU A 248 12.97 3.10 -9.35
CA GLU A 248 13.50 4.22 -10.14
C GLU A 248 14.44 3.71 -11.24
N LYS A 249 15.25 2.72 -10.92
CA LYS A 249 16.17 2.16 -11.88
C LYS A 249 15.45 1.68 -13.15
N TRP A 250 14.38 0.92 -12.98
CA TRP A 250 13.74 0.26 -14.11
C TRP A 250 12.67 1.14 -14.77
N TRP A 251 12.14 2.13 -14.06
CA TRP A 251 11.08 2.96 -14.65
C TRP A 251 11.61 4.22 -15.34
N ARG A 252 12.75 4.74 -14.88
CA ARG A 252 13.29 5.97 -15.47
C ARG A 252 13.62 5.79 -16.95
N GLY A 253 13.25 6.78 -17.75
CA GLY A 253 13.49 6.76 -19.17
C GLY A 253 14.14 8.04 -19.68
N CYS A 256 10.66 12.50 -20.74
CA CYS A 256 9.60 13.36 -21.24
C CYS A 256 9.37 14.54 -20.31
N PRO A 257 8.91 15.68 -20.86
CA PRO A 257 8.56 16.82 -19.99
C PRO A 257 7.32 16.51 -19.16
N ALA B 2 -20.72 -22.60 21.13
CA ALA B 2 -20.81 -21.20 21.54
C ALA B 2 -19.53 -20.44 21.15
N ASN B 3 -19.63 -19.63 20.10
CA ASN B 3 -18.47 -18.89 19.59
C ASN B 3 -18.01 -17.82 20.57
N ARG B 4 -16.70 -17.80 20.82
CA ARG B 4 -16.11 -16.88 21.77
C ARG B 4 -16.10 -15.44 21.23
N THR B 5 -16.21 -14.47 22.12
CA THR B 5 -16.11 -13.07 21.75
C THR B 5 -14.64 -12.67 21.68
N LEU B 6 -14.22 -12.15 20.53
CA LEU B 6 -12.83 -11.72 20.38
C LEU B 6 -12.56 -10.46 21.19
N ILE B 7 -11.37 -10.39 21.77
CA ILE B 7 -10.90 -9.17 22.42
C ILE B 7 -10.13 -8.35 21.40
N VAL B 8 -10.45 -7.07 21.28
CA VAL B 8 -9.79 -6.18 20.33
C VAL B 8 -9.05 -5.10 21.11
N THR B 9 -7.73 -5.07 20.98
CA THR B 9 -6.96 -4.02 21.66
C THR B 9 -6.90 -2.82 20.72
N THR B 10 -7.02 -1.62 21.27
CA THR B 10 -6.94 -0.43 20.46
C THR B 10 -6.47 0.69 21.36
N ILE B 11 -6.44 1.90 20.81
CA ILE B 11 -5.86 3.04 21.45
C ILE B 11 -6.68 4.27 21.07
N LEU B 12 -6.81 5.23 22.01
CA LEU B 12 -7.51 6.48 21.73
C LEU B 12 -6.63 7.29 20.82
N GLU B 13 -7.17 7.62 19.66
CA GLU B 13 -6.42 8.31 18.63
C GLU B 13 -7.39 8.83 17.58
N GLU B 14 -7.55 10.14 17.52
CA GLU B 14 -8.46 10.78 16.57
C GLU B 14 -7.91 10.67 15.15
N PRO B 15 -8.74 10.28 14.16
CA PRO B 15 -10.17 9.93 14.18
C PRO B 15 -10.41 8.42 14.15
N TYR B 16 -9.40 7.63 14.49
CA TYR B 16 -9.51 6.19 14.46
C TYR B 16 -10.44 5.67 15.54
N VAL B 17 -10.21 6.15 16.76
CA VAL B 17 -10.93 5.67 17.95
C VAL B 17 -11.07 6.85 18.89
N MET B 18 -12.31 7.19 19.20
CA MET B 18 -12.61 8.33 20.04
C MET B 18 -13.81 7.99 20.92
N TYR B 19 -13.82 8.49 22.14
CA TYR B 19 -15.05 8.47 22.92
C TYR B 19 -16.15 9.27 22.23
N ARG B 20 -17.31 8.65 22.17
CA ARG B 20 -18.48 9.29 21.60
CA ARG B 20 -18.52 9.26 21.63
C ARG B 20 -19.03 10.34 22.57
N LYS B 21 -19.53 11.45 22.02
CA LYS B 21 -20.18 12.48 22.86
C LYS B 21 -21.62 12.04 23.11
N SER B 22 -22.03 12.12 24.36
CA SER B 22 -23.35 11.63 24.78
C SER B 22 -23.82 12.28 26.07
N ASP B 23 -25.14 12.48 26.18
CA ASP B 23 -25.72 13.05 27.37
C ASP B 23 -26.14 11.97 28.36
N LYS B 24 -25.76 10.72 28.09
CA LYS B 24 -25.97 9.67 29.06
C LYS B 24 -24.75 8.75 29.05
N PRO B 25 -24.46 8.10 30.20
CA PRO B 25 -23.35 7.15 30.21
C PRO B 25 -23.49 6.07 29.17
N LEU B 26 -22.38 5.77 28.49
CA LEU B 26 -22.29 4.71 27.51
C LEU B 26 -21.44 3.54 28.01
N TYR B 27 -21.70 2.37 27.44
CA TYR B 27 -21.07 1.14 27.89
C TYR B 27 -20.60 0.33 26.70
N GLY B 28 -19.63 -0.54 26.95
CA GLY B 28 -19.15 -1.45 25.94
C GLY B 28 -18.69 -0.74 24.68
N ASN B 29 -18.93 -1.39 23.54
CA ASN B 29 -18.42 -0.88 22.28
C ASN B 29 -19.05 0.45 21.91
N ASP B 30 -20.25 0.67 22.42
CA ASP B 30 -21.01 1.88 22.15
CA ASP B 30 -20.99 1.90 22.13
C ASP B 30 -20.28 3.14 22.66
N ARG B 31 -19.31 2.97 23.56
CA ARG B 31 -18.57 4.11 24.08
C ARG B 31 -17.77 4.83 23.00
N PHE B 32 -17.43 4.10 21.94
CA PHE B 32 -16.45 4.56 20.95
C PHE B 32 -17.02 4.78 19.56
N GLU B 33 -16.39 5.68 18.82
CA GLU B 33 -16.67 5.84 17.40
C GLU B 33 -15.38 6.13 16.67
N GLY B 34 -15.43 6.10 15.33
CA GLY B 34 -14.31 6.47 14.50
C GLY B 34 -14.00 5.47 13.41
N TYR B 35 -12.97 5.77 12.62
CA TYR B 35 -12.60 4.91 11.50
C TYR B 35 -12.42 3.45 11.89
N CYS B 36 -11.73 3.18 12.99
CA CYS B 36 -11.39 1.80 13.30
C CYS B 36 -12.61 1.05 13.84
N LEU B 37 -13.55 1.76 14.46
CA LEU B 37 -14.81 1.17 14.86
C LEU B 37 -15.65 0.78 13.63
N ASP B 38 -15.65 1.64 12.61
CA ASP B 38 -16.39 1.35 11.39
C ASP B 38 -15.73 0.14 10.71
N LEU B 39 -14.40 0.12 10.73
CA LEU B 39 -13.66 -0.99 10.15
C LEU B 39 -14.02 -2.31 10.84
N LEU B 40 -13.99 -2.29 12.17
CA LEU B 40 -14.40 -3.43 12.98
C LEU B 40 -15.81 -3.92 12.65
N LYS B 41 -16.76 -3.00 12.53
CA LYS B 41 -18.13 -3.38 12.17
C LYS B 41 -18.16 -4.06 10.81
N GLU B 42 -17.38 -3.55 9.87
CA GLU B 42 -17.37 -4.12 8.53
C GLU B 42 -16.70 -5.49 8.57
N LEU B 43 -15.62 -5.63 9.33
CA LEU B 43 -14.94 -6.93 9.41
C LEU B 43 -15.86 -7.96 10.07
N SER B 44 -16.51 -7.56 11.14
CA SER B 44 -17.41 -8.44 11.86
CA SER B 44 -17.41 -8.44 11.86
C SER B 44 -18.57 -8.89 10.97
N ASN B 45 -19.07 -7.98 10.13
CA ASN B 45 -20.17 -8.32 9.23
CA ASN B 45 -20.17 -8.31 9.23
C ASN B 45 -19.76 -9.37 8.20
N ILE B 46 -18.53 -9.26 7.68
CA ILE B 46 -18.05 -10.23 6.70
C ILE B 46 -17.72 -11.56 7.36
N LEU B 47 -16.95 -11.50 8.44
CA LEU B 47 -16.44 -12.72 9.05
C LEU B 47 -17.37 -13.35 10.09
N GLY B 48 -18.28 -12.57 10.66
CA GLY B 48 -19.21 -13.10 11.64
C GLY B 48 -18.52 -13.44 12.96
N PHE B 49 -18.03 -12.41 13.65
CA PHE B 49 -17.53 -12.57 15.01
C PHE B 49 -18.12 -11.46 15.86
N LEU B 50 -18.28 -11.76 17.15
CA LEU B 50 -18.57 -10.74 18.16
C LEU B 50 -17.26 -10.25 18.73
N TYR B 51 -17.23 -9.01 19.18
CA TYR B 51 -15.98 -8.44 19.69
C TYR B 51 -16.17 -7.51 20.87
N ASP B 52 -15.07 -7.32 21.58
CA ASP B 52 -15.01 -6.55 22.80
C ASP B 52 -13.81 -5.61 22.72
N VAL B 53 -14.07 -4.31 22.62
CA VAL B 53 -13.00 -3.35 22.46
C VAL B 53 -12.43 -2.97 23.84
N LYS B 54 -11.14 -3.15 24.01
CA LYS B 54 -10.43 -2.76 25.23
C LYS B 54 -9.26 -1.87 24.90
N LEU B 55 -9.25 -0.66 25.45
CA LEU B 55 -8.13 0.25 25.32
C LEU B 55 -6.87 -0.36 25.96
N VAL B 56 -5.75 -0.34 25.23
CA VAL B 56 -4.51 -0.87 25.78
C VAL B 56 -4.17 -0.07 27.04
N PRO B 57 -3.89 -0.75 28.16
CA PRO B 57 -3.69 0.01 29.40
C PRO B 57 -2.61 1.08 29.35
N ASP B 58 -1.45 0.79 28.76
CA ASP B 58 -0.35 1.74 28.83
C ASP B 58 -0.46 2.82 27.77
N GLY B 59 -1.49 2.77 26.94
CA GLY B 59 -1.68 3.79 25.92
C GLY B 59 -0.57 3.88 24.89
N LYS B 60 0.05 2.74 24.56
CA LYS B 60 1.15 2.70 23.60
C LYS B 60 0.87 1.81 22.40
N TYR B 61 1.53 2.14 21.28
CA TYR B 61 1.39 1.39 20.04
C TYR B 61 2.14 0.08 20.14
N GLY B 62 3.43 0.16 20.46
CA GLY B 62 4.25 -1.01 20.64
C GLY B 62 5.68 -0.77 20.20
N ALA B 63 6.58 -0.82 21.19
CA ALA B 63 8.02 -0.77 20.96
C ALA B 63 8.68 -1.71 21.95
N GLN B 64 9.92 -2.10 21.66
CA GLN B 64 10.70 -2.96 22.53
C GLN B 64 11.84 -2.18 23.19
N ASN B 65 12.09 -2.45 24.46
CA ASN B 65 13.20 -1.83 25.17
C ASN B 65 14.53 -2.55 24.89
N ASP B 66 15.56 -2.22 25.66
CA ASP B 66 16.88 -2.84 25.49
C ASP B 66 16.88 -4.33 25.83
N LYS B 67 15.92 -4.76 26.64
CA LYS B 67 15.84 -6.12 27.12
C LYS B 67 15.01 -7.02 26.19
N GLY B 68 14.56 -6.44 25.08
CA GLY B 68 13.75 -7.15 24.11
C GLY B 68 12.28 -7.24 24.49
N GLU B 69 11.90 -6.56 25.56
CA GLU B 69 10.52 -6.61 26.06
C GLU B 69 9.63 -5.59 25.35
N TRP B 70 8.45 -6.03 24.92
CA TRP B 70 7.55 -5.16 24.18
C TRP B 70 6.49 -4.53 25.09
N ASN B 71 5.92 -3.43 24.62
CA ASN B 71 4.82 -2.78 25.34
C ASN B 71 3.66 -2.54 24.38
N GLY B 72 2.62 -1.86 24.85
CA GLY B 72 1.56 -1.42 23.96
C GLY B 72 0.65 -2.52 23.45
N MET B 73 0.00 -2.22 22.32
CA MET B 73 -0.90 -3.17 21.70
C MET B 73 -0.13 -4.40 21.23
N VAL B 74 1.10 -4.18 20.76
CA VAL B 74 1.94 -5.29 20.35
C VAL B 74 2.11 -6.29 21.48
N LYS B 75 2.38 -5.82 22.69
CA LYS B 75 2.57 -6.72 23.85
C LYS B 75 1.27 -7.48 24.20
N GLU B 76 0.14 -6.80 24.08
CA GLU B 76 -1.15 -7.44 24.36
C GLU B 76 -1.32 -8.64 23.44
N LEU B 77 -0.89 -8.50 22.19
CA LEU B 77 -0.99 -9.58 21.22
C LEU B 77 0.00 -10.71 21.52
N ILE B 78 1.26 -10.35 21.75
CA ILE B 78 2.30 -11.33 22.11
C ILE B 78 1.84 -12.19 23.28
N ASP B 79 1.22 -11.54 24.27
CA ASP B 79 0.79 -12.25 25.48
C ASP B 79 -0.61 -12.89 25.34
N HIS B 80 -1.22 -12.73 24.16
CA HIS B 80 -2.53 -13.33 23.87
C HIS B 80 -3.60 -12.82 24.83
N ARG B 81 -3.48 -11.56 25.24
CA ARG B 81 -4.54 -10.90 25.98
C ARG B 81 -5.53 -10.21 25.02
N ALA B 82 -5.16 -10.08 23.74
CA ALA B 82 -6.08 -9.61 22.71
C ALA B 82 -5.99 -10.52 21.49
N ASP B 83 -7.08 -10.64 20.75
CA ASP B 83 -7.07 -11.45 19.51
C ASP B 83 -6.68 -10.60 18.31
N LEU B 84 -7.09 -9.33 18.34
CA LEU B 84 -6.84 -8.39 17.24
C LEU B 84 -6.44 -7.04 17.80
N ALA B 85 -5.57 -6.35 17.07
CA ALA B 85 -5.32 -4.96 17.32
C ALA B 85 -5.85 -4.20 16.13
N VAL B 86 -6.95 -3.48 16.32
CA VAL B 86 -7.57 -2.69 15.24
C VAL B 86 -7.33 -1.23 15.58
N ALA B 87 -6.32 -0.68 14.94
CA ALA B 87 -5.77 0.61 15.27
C ALA B 87 -4.83 0.96 14.13
N PRO B 88 -4.39 2.21 14.04
CA PRO B 88 -3.46 2.55 12.95
C PRO B 88 -2.06 2.08 13.28
N LEU B 89 -1.89 0.76 13.30
CA LEU B 89 -0.64 0.15 13.68
C LEU B 89 0.27 0.00 12.47
N THR B 90 1.34 0.80 12.42
CA THR B 90 2.25 0.76 11.31
C THR B 90 2.97 -0.60 11.20
N ILE B 91 2.93 -1.13 10.00
CA ILE B 91 3.59 -2.37 9.68
C ILE B 91 5.07 -2.11 9.46
N THR B 92 5.88 -2.52 10.43
CA THR B 92 7.31 -2.33 10.39
C THR B 92 7.99 -3.67 10.51
N TYR B 93 9.23 -3.70 10.04
CA TYR B 93 10.05 -4.89 10.12
C TYR B 93 10.08 -5.47 11.53
N VAL B 94 10.37 -4.64 12.54
CA VAL B 94 10.61 -5.18 13.87
C VAL B 94 9.30 -5.69 14.48
N ARG B 95 8.18 -5.04 14.17
CA ARG B 95 6.89 -5.47 14.67
C ARG B 95 6.40 -6.73 13.97
N GLU B 96 6.62 -6.83 12.67
CA GLU B 96 6.14 -7.98 11.92
C GLU B 96 6.86 -9.28 12.35
N LYS B 97 8.06 -9.14 12.90
CA LYS B 97 8.75 -10.29 13.43
C LYS B 97 8.09 -10.89 14.66
N VAL B 98 7.32 -10.11 15.42
CA VAL B 98 6.79 -10.63 16.70
C VAL B 98 5.28 -10.77 16.74
N ILE B 99 4.59 -10.25 15.72
CA ILE B 99 3.14 -10.45 15.55
C ILE B 99 2.83 -10.74 14.07
N ASP B 100 1.64 -11.28 13.81
CA ASP B 100 1.18 -11.51 12.44
C ASP B 100 0.25 -10.38 12.00
N PHE B 101 0.73 -9.53 11.09
CA PHE B 101 -0.11 -8.44 10.56
C PHE B 101 -1.01 -8.91 9.42
N SER B 102 -2.22 -8.37 9.35
CA SER B 102 -3.04 -8.50 8.15
C SER B 102 -2.40 -7.72 7.02
N LYS B 103 -2.94 -7.88 5.80
CA LYS B 103 -2.60 -6.98 4.73
C LYS B 103 -3.02 -5.55 5.14
N PRO B 104 -2.39 -4.53 4.56
CA PRO B 104 -2.67 -3.15 4.95
C PRO B 104 -4.07 -2.67 4.59
N PHE B 105 -4.78 -2.04 5.54
CA PHE B 105 -6.07 -1.39 5.22
C PHE B 105 -5.87 0.09 4.84
N MET B 106 -4.67 0.60 5.09
CA MET B 106 -4.22 1.92 4.65
C MET B 106 -2.78 1.89 4.21
N THR B 107 -2.48 2.62 3.14
CA THR B 107 -1.09 2.79 2.72
C THR B 107 -0.74 4.27 2.73
N LEU B 108 0.46 4.54 3.19
CA LEU B 108 0.84 5.91 3.50
C LEU B 108 2.35 6.06 3.48
N GLY B 109 2.84 7.17 4.01
CA GLY B 109 4.27 7.37 4.08
C GLY B 109 4.63 8.60 4.86
N ILE B 110 5.93 8.79 5.08
CA ILE B 110 6.45 10.03 5.68
C ILE B 110 6.30 11.20 4.73
N SER B 111 5.86 12.33 5.26
CA SER B 111 5.87 13.54 4.46
C SER B 111 6.10 14.70 5.40
N ILE B 112 5.99 15.91 4.87
CA ILE B 112 6.23 17.12 5.65
C ILE B 112 4.95 17.92 5.93
N LEU B 113 4.75 18.29 7.21
CA LEU B 113 3.73 19.25 7.61
C LEU B 113 4.39 20.59 7.90
N TYR B 114 3.96 21.63 7.18
CA TYR B 114 4.57 22.95 7.36
C TYR B 114 3.59 24.04 6.93
N ARG B 115 4.01 25.29 7.03
CA ARG B 115 3.21 26.43 6.61
C ARG B 115 3.18 26.57 5.09
N LYS B 116 2.08 27.11 4.59
CA LYS B 116 1.95 27.50 3.19
C LYS B 116 2.78 28.76 2.87
N GLY B 117 3.17 28.90 1.61
CA GLY B 117 3.77 30.13 1.11
C GLY B 117 5.26 30.32 1.43
N THR B 118 5.97 29.22 1.63
CA THR B 118 7.40 29.25 1.97
C THR B 118 8.26 28.75 0.82
N PRO B 119 9.57 29.01 0.88
CA PRO B 119 10.46 28.52 -0.18
C PRO B 119 10.70 27.01 -0.10
N ILE B 120 10.27 26.37 0.98
CA ILE B 120 10.44 24.93 1.14
C ILE B 120 9.46 24.19 0.23
N ASP B 121 9.97 23.27 -0.58
CA ASP B 121 9.11 22.46 -1.45
C ASP B 121 9.48 20.99 -1.40
N SER B 122 10.48 20.63 -0.59
CA SER B 122 10.91 19.24 -0.48
C SER B 122 11.73 19.03 0.77
N ALA B 123 12.04 17.77 1.06
CA ALA B 123 12.99 17.45 2.12
C ALA B 123 14.38 18.03 1.82
N ASP B 124 14.73 18.10 0.54
CA ASP B 124 16.05 18.60 0.19
C ASP B 124 16.14 20.08 0.51
N ASP B 125 15.03 20.80 0.29
CA ASP B 125 14.99 22.22 0.59
C ASP B 125 15.20 22.41 2.09
N LEU B 126 14.61 21.54 2.90
CA LEU B 126 14.81 21.63 4.35
C LEU B 126 16.27 21.37 4.71
N ALA B 127 16.81 20.29 4.16
CA ALA B 127 18.17 19.82 4.46
C ALA B 127 19.28 20.84 4.21
N LYS B 128 19.15 21.63 3.15
CA LYS B 128 20.25 22.51 2.77
C LYS B 128 20.20 23.87 3.48
N GLN B 129 19.28 24.01 4.45
CA GLN B 129 19.22 25.24 5.24
C GLN B 129 19.11 24.92 6.73
N THR B 130 19.18 25.97 7.57
CA THR B 130 19.17 25.80 9.03
C THR B 130 18.24 26.77 9.77
N LYS B 131 17.71 27.77 9.07
CA LYS B 131 16.85 28.78 9.69
C LYS B 131 15.50 28.21 10.12
N ILE B 132 14.87 27.43 9.25
CA ILE B 132 13.62 26.76 9.56
C ILE B 132 13.95 25.47 10.29
N GLU B 133 13.51 25.36 11.54
CA GLU B 133 13.79 24.16 12.32
C GLU B 133 12.88 23.05 11.82
N TYR B 134 13.39 21.83 11.80
CA TYR B 134 12.60 20.70 11.33
C TYR B 134 12.95 19.45 12.12
N GLY B 135 11.97 18.58 12.28
CA GLY B 135 12.18 17.39 13.04
C GLY B 135 11.07 16.39 12.94
N ALA B 136 10.95 15.60 13.99
CA ALA B 136 10.07 14.46 13.99
C ALA B 136 9.79 14.07 15.40
N VAL B 137 8.79 13.22 15.56
CA VAL B 137 8.52 12.59 16.84
C VAL B 137 9.67 11.69 17.26
N ARG B 138 10.22 11.96 18.44
CA ARG B 138 11.29 11.16 18.99
C ARG B 138 10.86 9.68 19.11
N ASP B 139 11.70 8.79 18.58
CA ASP B 139 11.57 7.34 18.79
C ASP B 139 10.36 6.72 18.07
N GLY B 140 9.83 7.41 17.07
CA GLY B 140 8.72 6.90 16.26
C GLY B 140 9.20 6.44 14.91
N SER B 141 8.26 6.06 14.06
CA SER B 141 8.55 5.45 12.78
C SER B 141 9.33 6.39 11.87
N THR B 142 8.96 7.67 11.91
CA THR B 142 9.63 8.65 11.09
C THR B 142 11.07 8.80 11.57
N MET B 143 11.27 8.91 12.87
CA MET B 143 12.64 9.07 13.39
C MET B 143 13.53 7.89 13.01
N THR B 144 12.98 6.69 13.11
CA THR B 144 13.73 5.49 12.79
C THR B 144 14.20 5.52 11.34
N PHE B 145 13.31 5.86 10.43
CA PHE B 145 13.67 6.09 9.03
C PHE B 145 14.91 7.02 8.86
N PHE B 146 14.91 8.16 9.56
CA PHE B 146 16.02 9.08 9.42
C PHE B 146 17.27 8.57 10.11
N LYS B 147 17.10 8.00 11.30
CA LYS B 147 18.24 7.46 12.03
C LYS B 147 18.96 6.39 11.20
N LYS B 148 18.21 5.63 10.41
CA LYS B 148 18.76 4.47 9.71
C LYS B 148 19.08 4.68 8.22
N SER B 149 18.69 5.82 7.65
CA SER B 149 18.84 6.03 6.22
C SER B 149 20.30 6.28 5.81
N LYS B 150 20.69 5.71 4.68
CA LYS B 150 22.02 5.93 4.12
C LYS B 150 21.96 6.88 2.91
N ILE B 151 20.84 7.56 2.75
CA ILE B 151 20.70 8.56 1.70
C ILE B 151 21.31 9.84 2.20
N SER B 152 22.22 10.39 1.40
CA SER B 152 22.94 11.62 1.75
C SER B 152 22.02 12.70 2.33
N THR B 153 20.96 13.05 1.61
CA THR B 153 20.07 14.13 2.05
C THR B 153 19.45 13.83 3.41
N TYR B 154 19.06 12.58 3.64
CA TYR B 154 18.41 12.20 4.89
C TYR B 154 19.40 12.03 6.03
N GLU B 155 20.63 11.64 5.72
CA GLU B 155 21.67 11.57 6.75
C GLU B 155 21.94 12.94 7.33
N LYS B 156 21.94 13.95 6.46
CA LYS B 156 22.22 15.32 6.86
C LYS B 156 21.08 15.86 7.71
N MET B 157 19.86 15.48 7.35
CA MET B 157 18.68 15.84 8.13
C MET B 157 18.67 15.16 9.49
N TRP B 158 19.12 13.92 9.56
CA TRP B 158 19.18 13.24 10.85
C TRP B 158 20.24 13.88 11.73
N ALA B 159 21.33 14.33 11.11
CA ALA B 159 22.39 15.01 11.85
C ALA B 159 21.86 16.31 12.44
N PHE B 160 21.08 17.05 11.66
CA PHE B 160 20.48 18.28 12.17
C PHE B 160 19.50 17.96 13.29
N MET B 161 18.64 16.98 13.04
CA MET B 161 17.58 16.62 13.97
C MET B 161 18.09 16.26 15.35
N SER B 162 19.23 15.57 15.39
CA SER B 162 19.75 15.04 16.65
C SER B 162 20.70 16.01 17.35
N SER B 163 21.14 17.05 16.63
CA SER B 163 22.03 18.07 17.22
C SER B 163 21.32 18.86 18.32
N ARG B 164 22.11 19.52 19.17
CA ARG B 164 21.59 20.38 20.24
C ARG B 164 20.65 19.62 21.16
N GLN B 165 21.09 18.43 21.57
CA GLN B 165 20.31 17.55 22.43
C GLN B 165 18.89 17.33 21.90
N GLN B 166 18.78 17.05 20.59
CA GLN B 166 17.51 16.67 19.97
C GLN B 166 16.39 17.71 20.17
N SER B 167 16.76 18.98 20.14
CA SER B 167 15.80 20.07 20.39
C SER B 167 14.73 20.08 19.30
N ALA B 168 15.11 19.69 18.10
CA ALA B 168 14.21 19.69 16.95
C ALA B 168 13.19 18.54 17.01
N LEU B 169 13.43 17.54 17.86
CA LEU B 169 12.45 16.46 18.00
C LEU B 169 11.31 16.92 18.92
N VAL B 170 10.17 16.26 18.79
CA VAL B 170 9.01 16.53 19.63
C VAL B 170 8.59 15.23 20.31
N LYS B 171 7.81 15.36 21.38
CA LYS B 171 7.44 14.22 22.22
C LYS B 171 6.48 13.29 21.48
N ASN B 172 5.52 13.86 20.79
CA ASN B 172 4.50 13.06 20.09
C ASN B 172 3.89 13.90 18.98
N SER B 173 2.97 13.30 18.22
CA SER B 173 2.42 13.97 17.05
C SER B 173 1.63 15.24 17.41
N ASP B 174 0.88 15.19 18.51
CA ASP B 174 0.08 16.35 18.95
CA ASP B 174 0.08 16.35 18.94
C ASP B 174 0.96 17.56 19.29
N GLU B 175 2.01 17.34 20.07
CA GLU B 175 2.85 18.48 20.42
C GLU B 175 3.56 18.99 19.17
N GLY B 176 3.90 18.08 18.26
CA GLY B 176 4.55 18.49 17.02
C GLY B 176 3.66 19.41 16.20
N ILE B 177 2.39 19.05 16.12
CA ILE B 177 1.45 19.83 15.32
C ILE B 177 1.27 21.22 15.94
N GLN B 178 1.19 21.28 17.26
CA GLN B 178 1.11 22.59 17.93
C GLN B 178 2.35 23.44 17.64
N ARG B 179 3.50 22.78 17.61
CA ARG B 179 4.76 23.48 17.37
C ARG B 179 4.77 24.10 15.96
N VAL B 180 4.30 23.36 14.97
CA VAL B 180 4.15 23.87 13.61
C VAL B 180 3.28 25.11 13.58
N LEU B 181 2.18 25.05 14.32
CA LEU B 181 1.21 26.14 14.33
C LEU B 181 1.72 27.42 14.95
N THR B 182 2.61 27.31 15.94
CA THR B 182 3.03 28.46 16.73
C THR B 182 4.38 29.06 16.35
N THR B 183 5.33 28.21 15.93
CA THR B 183 6.71 28.61 15.68
CA THR B 183 6.68 28.69 15.64
C THR B 183 7.09 28.30 14.24
N ASP B 184 8.34 28.58 13.88
CA ASP B 184 8.79 28.28 12.53
C ASP B 184 9.40 26.87 12.53
N TYR B 185 8.54 25.89 12.35
CA TYR B 185 8.89 24.49 12.54
C TYR B 185 8.17 23.59 11.53
N ALA B 186 8.93 22.72 10.88
CA ALA B 186 8.38 21.75 9.93
C ALA B 186 8.45 20.35 10.53
N LEU B 187 7.33 19.64 10.48
CA LEU B 187 7.23 18.33 11.12
C LEU B 187 7.17 17.22 10.07
N LEU B 188 8.15 16.33 10.13
CA LEU B 188 8.14 15.10 9.35
C LEU B 188 7.35 14.05 10.11
N MET B 189 6.33 13.46 9.48
CA MET B 189 5.48 12.46 10.16
C MET B 189 4.66 11.65 9.16
N GLU B 190 3.95 10.63 9.67
CA GLU B 190 3.10 9.80 8.82
C GLU B 190 2.04 10.66 8.13
N SER B 191 1.89 10.46 6.83
CA SER B 191 1.08 11.34 5.97
C SER B 191 -0.41 11.35 6.30
N THR B 192 -0.90 10.25 6.86
CA THR B 192 -2.28 10.18 7.36
C THR B 192 -2.55 11.26 8.38
N SER B 193 -1.62 11.42 9.31
CA SER B 193 -1.74 12.46 10.34
C SER B 193 -1.72 13.85 9.71
N ILE B 194 -0.89 14.02 8.69
CA ILE B 194 -0.77 15.29 8.01
C ILE B 194 -2.06 15.67 7.27
N GLU B 195 -2.63 14.71 6.55
CA GLU B 195 -3.89 14.91 5.84
C GLU B 195 -4.99 15.35 6.81
N TYR B 196 -5.04 14.73 7.97
CA TYR B 196 -6.08 15.05 8.94
C TYR B 196 -5.95 16.50 9.40
N VAL B 197 -4.72 16.93 9.63
CA VAL B 197 -4.42 18.30 10.07
C VAL B 197 -4.71 19.31 8.96
N THR B 198 -4.28 19.03 7.74
CA THR B 198 -4.39 20.05 6.69
C THR B 198 -5.84 20.25 6.30
N GLN B 199 -6.65 19.22 6.49
CA GLN B 199 -8.07 19.30 6.28
C GLN B 199 -8.70 20.31 7.25
N ARG B 200 -8.04 20.54 8.38
CA ARG B 200 -8.62 21.36 9.45
C ARG B 200 -7.86 22.65 9.73
N ASN B 201 -6.69 22.80 9.13
CA ASN B 201 -5.85 23.97 9.33
C ASN B 201 -5.45 24.51 7.96
N CYS B 202 -6.21 25.47 7.48
CA CYS B 202 -6.07 25.92 6.10
C CYS B 202 -4.77 26.69 5.88
N ASN B 203 -4.08 27.08 6.95
CA ASN B 203 -2.80 27.74 6.81
C ASN B 203 -1.60 26.77 6.74
N LEU B 204 -1.86 25.47 6.86
CA LEU B 204 -0.78 24.48 6.78
C LEU B 204 -0.94 23.63 5.54
N THR B 205 0.12 22.92 5.18
CA THR B 205 0.07 22.08 4.00
C THR B 205 1.06 20.95 4.08
N GLN B 206 0.80 19.92 3.29
CA GLN B 206 1.75 18.86 3.10
C GLN B 206 2.73 19.30 2.02
N ILE B 207 4.02 19.09 2.28
CA ILE B 207 5.05 19.51 1.35
C ILE B 207 5.82 18.31 0.80
N GLY B 208 5.94 18.22 -0.52
N GLY B 208 6.05 18.36 -0.50
CA GLY B 208 6.87 17.29 -1.15
CA GLY B 208 6.68 17.28 -1.21
C GLY B 208 6.55 15.80 -1.26
C GLY B 208 5.71 16.14 -1.24
N GLY B 209 5.30 15.39 -1.05
N GLY B 209 6.16 15.02 -1.79
CA GLY B 209 4.90 14.00 -1.26
CA GLY B 209 5.40 13.79 -1.75
C GLY B 209 5.38 12.99 -0.23
C GLY B 209 5.81 12.97 -0.53
N LEU B 210 5.43 11.70 -0.59
CA LEU B 210 5.87 10.70 0.37
C LEU B 210 7.33 10.35 0.14
N ILE B 211 8.11 10.24 1.21
CA ILE B 211 9.53 9.92 1.05
C ILE B 211 9.85 8.46 1.34
N ASP B 212 8.84 7.72 1.84
CA ASP B 212 8.91 6.27 1.91
C ASP B 212 7.50 5.70 1.81
N SER B 213 7.36 4.42 2.06
CA SER B 213 6.05 3.78 1.95
C SER B 213 5.87 2.82 3.11
N LYS B 214 4.65 2.80 3.66
CA LYS B 214 4.32 1.83 4.70
C LYS B 214 2.80 1.71 4.82
N GLY B 215 2.36 0.68 5.51
CA GLY B 215 0.94 0.46 5.72
C GLY B 215 0.56 0.33 7.19
N TYR B 216 -0.74 0.44 7.41
CA TYR B 216 -1.36 0.12 8.68
C TYR B 216 -2.02 -1.22 8.52
N GLY B 217 -1.77 -2.09 9.49
CA GLY B 217 -2.38 -3.42 9.47
C GLY B 217 -3.07 -3.76 10.78
N VAL B 218 -4.05 -4.64 10.70
CA VAL B 218 -4.61 -5.27 11.90
C VAL B 218 -3.57 -6.23 12.45
N GLY B 219 -3.27 -6.10 13.74
CA GLY B 219 -2.31 -6.97 14.38
C GLY B 219 -3.01 -8.18 14.96
N THR B 220 -2.35 -9.33 14.86
CA THR B 220 -2.83 -10.55 15.51
C THR B 220 -1.61 -11.25 16.07
N PRO B 221 -1.79 -12.13 17.05
CA PRO B 221 -0.66 -12.93 17.55
C PRO B 221 -0.08 -13.82 16.45
N ILE B 222 1.22 -14.12 16.54
CA ILE B 222 1.84 -15.11 15.66
C ILE B 222 1.03 -16.41 15.72
N GLY B 223 0.79 -17.00 14.55
CA GLY B 223 0.01 -18.21 14.43
C GLY B 223 -1.48 -17.98 14.56
N SER B 224 -1.91 -16.72 14.54
CA SER B 224 -3.34 -16.42 14.72
C SER B 224 -4.22 -17.12 13.69
N PRO B 225 -5.29 -17.76 14.15
CA PRO B 225 -6.23 -18.34 13.19
C PRO B 225 -7.14 -17.29 12.49
N TYR B 226 -6.98 -16.01 12.83
CA TYR B 226 -7.85 -14.97 12.26
C TYR B 226 -7.16 -14.10 11.22
N ARG B 227 -5.83 -14.11 11.21
CA ARG B 227 -5.10 -13.16 10.36
C ARG B 227 -5.46 -13.29 8.88
N ASP B 228 -5.43 -14.52 8.35
CA ASP B 228 -5.72 -14.71 6.92
C ASP B 228 -7.16 -14.33 6.58
N LYS B 229 -8.12 -14.64 7.46
CA LYS B 229 -9.50 -14.26 7.21
C LYS B 229 -9.68 -12.74 7.22
N ILE B 230 -8.98 -12.06 8.13
CA ILE B 230 -9.06 -10.62 8.22
CA ILE B 230 -9.04 -10.62 8.24
C ILE B 230 -8.46 -9.98 6.97
N THR B 231 -7.37 -10.54 6.48
CA THR B 231 -6.77 -10.08 5.23
C THR B 231 -7.78 -10.19 4.11
N ILE B 232 -8.42 -11.34 3.97
CA ILE B 232 -9.35 -11.52 2.88
C ILE B 232 -10.54 -10.55 3.01
N ALA B 233 -11.02 -10.31 4.23
CA ALA B 233 -12.07 -9.32 4.43
C ALA B 233 -11.61 -7.91 4.05
N ILE B 234 -10.36 -7.57 4.39
CA ILE B 234 -9.81 -6.27 4.08
C ILE B 234 -9.75 -6.09 2.56
N LEU B 235 -9.30 -7.13 1.84
CA LEU B 235 -9.22 -7.04 0.40
C LEU B 235 -10.63 -6.87 -0.22
N GLN B 236 -11.61 -7.53 0.36
CA GLN B 236 -13.00 -7.39 -0.09
C GLN B 236 -13.46 -5.92 0.07
N LEU B 237 -13.23 -5.35 1.24
CA LEU B 237 -13.59 -3.96 1.51
C LEU B 237 -12.86 -2.99 0.59
N GLN B 238 -11.59 -3.30 0.34
CA GLN B 238 -10.76 -2.51 -0.56
C GLN B 238 -11.40 -2.49 -1.95
N GLU B 239 -11.72 -3.67 -2.46
CA GLU B 239 -12.16 -3.80 -3.85
C GLU B 239 -13.54 -3.22 -4.04
N GLU B 240 -14.32 -3.17 -2.97
CA GLU B 240 -15.67 -2.66 -3.07
C GLU B 240 -15.68 -1.14 -2.78
N GLY B 241 -14.50 -0.59 -2.50
CA GLY B 241 -14.36 0.85 -2.35
C GLY B 241 -14.75 1.36 -0.96
N LYS B 242 -14.98 0.45 -0.02
CA LYS B 242 -15.44 0.81 1.31
C LYS B 242 -14.36 1.45 2.20
N LEU B 243 -13.11 1.00 2.09
CA LEU B 243 -12.03 1.60 2.88
C LEU B 243 -11.84 3.06 2.47
N HIS B 244 -11.88 3.30 1.17
CA HIS B 244 -11.77 4.63 0.63
C HIS B 244 -12.90 5.52 1.15
N MET B 245 -14.12 4.99 1.13
CA MET B 245 -15.27 5.72 1.64
C MET B 245 -15.13 6.05 3.13
N MET B 246 -14.62 5.09 3.89
CA MET B 246 -14.46 5.25 5.32
C MET B 246 -13.41 6.31 5.61
N LYS B 247 -12.33 6.29 4.84
CA LYS B 247 -11.28 7.27 5.06
C LYS B 247 -11.83 8.68 4.85
N GLU B 248 -12.56 8.86 3.76
CA GLU B 248 -13.12 10.17 3.41
CA GLU B 248 -13.13 10.17 3.40
C GLU B 248 -14.11 10.64 4.48
N LYS B 249 -14.92 9.70 4.97
CA LYS B 249 -15.91 10.02 6.00
C LYS B 249 -15.25 10.67 7.21
N TRP B 250 -14.17 10.07 7.72
CA TRP B 250 -13.52 10.57 8.93
C TRP B 250 -12.45 11.66 8.69
N TRP B 251 -11.85 11.74 7.51
CA TRP B 251 -10.80 12.74 7.27
C TRP B 251 -11.29 14.10 6.80
N ARG B 252 -12.34 14.12 5.99
CA ARG B 252 -12.77 15.34 5.35
C ARG B 252 -13.14 16.42 6.36
N GLY B 253 -12.59 17.61 6.18
CA GLY B 253 -12.92 18.76 7.00
C GLY B 253 -14.00 19.66 6.40
N ASN B 254 -14.11 20.88 6.94
CA ASN B 254 -15.15 21.82 6.52
C ASN B 254 -14.81 22.61 5.25
N GLY B 255 -13.71 22.26 4.60
CA GLY B 255 -13.25 22.99 3.43
C GLY B 255 -12.42 24.20 3.82
N CYS B 256 -11.55 24.64 2.90
CA CYS B 256 -10.65 25.77 3.15
C CYS B 256 -10.84 26.90 2.13
N 4E7 C . -0.50 -7.12 -12.54
CA 4E7 C . -1.77 -7.55 -13.17
CB 4E7 C . -1.55 -7.45 -14.71
C 4E7 C . -2.10 -8.97 -12.66
O 4E7 C . -1.41 -9.49 -11.74
OXT 4E7 C . -3.05 -9.57 -13.17
CAM 4E7 C . -5.17 -6.29 -16.85
CAQ 4E7 C . 0.48 -6.83 -13.62
CAR 4E7 C . -0.38 -6.44 -14.84
CAV 4E7 C . -4.99 -3.98 -15.79
CAY 4E7 C . -4.64 -7.59 -17.01
CAZ 4E7 C . -4.51 -5.37 -15.99
OAA 4E7 C . -4.11 -3.12 -15.58
OAC 4E7 C . -6.21 -3.69 -15.84
CG 4E7 C . -2.81 -7.08 -15.47
CD1 4E7 C . -3.47 -7.98 -16.32
CD2 4E7 C . -3.34 -5.77 -15.31
C1 4E7 C . 0.39 -6.41 -16.19
C2 4E7 C . 1.62 -5.48 -16.20
C3 4E7 C . 1.82 -4.77 -17.55
H8 4E7 C . -0.18 -7.79 -11.87
HA 4E7 C . -2.54 -6.83 -12.86
HB 4E7 C . -1.20 -8.42 -15.07
HAM 4E7 C . -6.06 -5.99 -17.38
HAQ1 4E7 C . 1.13 -7.69 -13.82
HAQ2 4E7 C . 1.11 -6.01 -13.30
HAR1 4E7 C . -0.76 -5.44 -14.64
HAY 4E7 C . -5.14 -8.30 -17.65
HD1 4E7 C . -3.09 -8.98 -16.46
HD2 4E7 C . -2.84 -5.06 -14.66
H2 4E7 C . 0.68 -7.42 -16.49
H1 4E7 C . -0.30 -6.06 -16.96
H3 4E7 C . 2.52 -6.05 -15.97
H4 4E7 C . 1.51 -4.73 -15.41
H5 4E7 C . 1.96 -5.49 -18.35
H6 4E7 C . 0.95 -4.16 -17.82
H7 4E7 C . 2.69 -4.12 -17.53
H9 4E7 C . -0.80 -6.29 -12.05
C ACT D . -6.49 -8.52 -31.70
O ACT D . -5.27 -8.37 -32.09
OXT ACT D . -6.86 -8.25 -30.51
CH3 ACT D . -7.52 -9.01 -32.67
H1 ACT D . -7.05 -9.19 -33.63
H2 ACT D . -8.30 -8.26 -32.79
H3 ACT D . -7.95 -9.94 -32.30
CL CL E . -5.06 -13.39 -15.00
CL CL F . 0.28 -10.67 4.76
CL CL G . 12.05 -20.65 -18.43
C1 PEG H . 6.18 -29.88 -1.70
O1 PEG H . 5.13 -30.22 -2.60
C2 PEG H . 5.72 -28.75 -0.78
O2 PEG H . 6.25 -28.95 0.53
C3 PEG H . 5.53 -28.22 1.52
C4 PEG H . 6.51 -27.66 2.56
O4 PEG H . 6.08 -26.37 3.02
H11 PEG H . 6.45 -30.76 -1.09
H12 PEG H . 7.07 -29.57 -2.24
HO1 PEG H . 5.43 -30.94 -3.18
H21 PEG H . 6.06 -27.79 -1.17
H22 PEG H . 4.63 -28.75 -0.73
H31 PEG H . 4.80 -28.86 2.02
H32 PEG H . 4.99 -27.38 1.05
H41 PEG H . 7.50 -27.58 2.11
H42 PEG H . 6.57 -28.34 3.41
HO4 PEG H . 6.70 -26.03 3.67
N 4E7 I . 0.97 4.70 13.45
CA 4E7 I . 2.18 4.95 14.27
CB 4E7 I . 1.84 6.16 15.19
C 4E7 I . 2.53 3.61 15.01
O 4E7 I . 3.41 3.62 15.88
OXT 4E7 I . 1.96 2.55 14.69
CAM 4E7 I . 5.37 8.72 15.71
CAQ 4E7 I . -0.10 5.61 13.94
CAR 4E7 I . 0.69 6.84 14.44
CAV 4E7 I . 5.24 9.38 13.25
CAY 4E7 I . 4.85 8.00 16.81
CAZ 4E7 I . 4.74 8.63 14.45
OAA 4E7 I . 6.45 9.66 13.07
OAC 4E7 I . 4.38 9.73 12.42
CG 4E7 I . 3.06 7.06 15.42
CD1 4E7 I . 3.71 7.18 16.67
CD2 4E7 I . 3.59 7.79 14.32
C1 4E7 I . -0.14 7.86 15.24
C2 4E7 I . -1.24 8.53 14.42
C3 4E7 I . -1.60 9.92 14.95
H8 4E7 I . 0.71 3.73 13.45
HA 4E7 I . 2.98 5.21 13.58
HB 4E7 I . 1.48 5.81 16.16
HAM 4E7 I . 6.23 9.35 15.84
HAQ1 4E7 I . -0.70 5.15 14.71
HAQ2 4E7 I . -0.75 5.86 13.10
HAR1 4E7 I . 1.08 7.34 13.56
HAY 4E7 I . 5.33 8.07 17.77
HD1 4E7 I . 3.34 6.62 17.52
HD2 4E7 I . 3.11 7.71 13.35
H2 4E7 I . -0.58 7.39 16.13
H1 4E7 I . 0.53 8.63 15.61
H3 4E7 I . -0.92 8.62 13.37
H4 4E7 I . -2.13 7.90 14.41
H5 4E7 I . -0.72 10.58 14.93
H6 4E7 I . -1.96 9.87 15.97
H7 4E7 I . -2.37 10.39 14.34
H9 4E7 I . 1.30 4.95 12.53
C ACT J . 6.50 18.71 26.91
O ACT J . 6.96 17.98 25.97
OXT ACT J . 5.26 18.97 26.96
CH3 ACT J . 7.43 19.29 27.92
H1 ACT J . 8.44 18.98 27.69
H2 ACT J . 7.36 20.38 27.89
H3 ACT J . 7.15 18.94 28.91
C ACT K . 15.19 26.58 0.93
O ACT K . 14.71 26.18 -0.16
OXT ACT K . 16.15 25.91 1.38
CH3 ACT K . 14.64 27.77 1.66
H1 ACT K . 15.20 27.93 2.57
H2 ACT K . 13.59 27.60 1.90
H3 ACT K . 14.73 28.66 1.02
C ACT L . -25.03 9.68 15.91
O ACT L . -23.80 9.61 15.67
OXT ACT L . -25.44 10.78 16.35
CH3 ACT L . -25.95 8.53 15.65
H1 ACT L . -26.97 8.81 15.91
H2 ACT L . -25.65 7.68 16.24
H3 ACT L . -25.92 8.27 14.59
CL CL M . -11.55 -0.13 27.71
C1 EDO N . 1.44 11.00 28.81
O1 EDO N . 0.34 11.90 29.00
C2 EDO N . 1.19 10.15 27.57
O2 EDO N . 1.52 10.88 26.37
H11 EDO N . 1.56 10.37 29.68
H12 EDO N . 2.36 11.58 28.68
HO1 EDO N . 0.50 12.44 29.78
H21 EDO N . 0.14 9.86 27.53
H22 EDO N . 1.79 9.24 27.62
HO2 EDO N . 1.35 10.32 25.60
#